data_3U67
#
_entry.id   3U67
#
_cell.length_a   121.865
_cell.length_b   42.991
_cell.length_c   51.253
_cell.angle_alpha   90.00
_cell.angle_beta   90.00
_cell.angle_gamma   90.00
#
_symmetry.space_group_name_H-M   'P 21 21 2'
#
loop_
_entity.id
_entity.type
_entity.pdbx_description
1 polymer 'Heat shock protein 83-1'
2 non-polymer "ADENOSINE-5'-DIPHOSPHATE"
3 non-polymer 'MAGNESIUM ION'
4 non-polymer 1,2-ETHANEDIOL
5 water water
#
_entity_poly.entity_id   1
_entity_poly.type   'polypeptide(L)'
_entity_poly.pdbx_seq_one_letter_code
;MHHHHHHSSGRENLYFQGMTETFAFQAEINQLMSLIINTFYSNKEIFLRELISNASDACDKIRYQSLTDPSVLGESPRLC
IRVVPDKENKTLTVEDNGIGMTKADLVNNLGTIARSGTKAFMEALEAGGDMSMIGQFGVGFYSAYLVADRVTVTSKNNSD
ESYVWESSAGGTFTITSTPESDMKRGTRITLHLKEDQMEYLEPRRLKELIKKHSEFIGYDIELMVEKTTEK
;
_entity_poly.pdbx_strand_id   A
#
loop_
_chem_comp.id
_chem_comp.type
_chem_comp.name
_chem_comp.formula
ADP non-polymer ADENOSINE-5'-DIPHOSPHATE 'C10 H15 N5 O10 P2'
EDO non-polymer 1,2-ETHANEDIOL 'C2 H6 O2'
MG non-polymer 'MAGNESIUM ION' 'Mg 2'
#
# COMPACT_ATOMS: atom_id res chain seq x y z
N SER A 9 31.53 9.03 -5.87
CA SER A 9 31.46 7.63 -6.33
C SER A 9 30.14 6.95 -5.99
N GLY A 10 29.10 7.76 -5.82
CA GLY A 10 27.75 7.31 -5.49
C GLY A 10 26.73 8.12 -6.26
N ARG A 11 25.78 8.75 -5.52
CA ARG A 11 24.69 9.57 -6.08
C ARG A 11 25.13 10.76 -6.95
N GLU A 12 26.31 11.34 -6.67
CA GLU A 12 26.86 12.51 -7.35
C GLU A 12 27.70 12.17 -8.59
N ASN A 13 28.01 10.86 -8.81
CA ASN A 13 28.80 10.45 -9.97
C ASN A 13 27.98 10.66 -11.24
N LEU A 14 28.60 11.20 -12.30
CA LEU A 14 27.98 11.47 -13.59
C LEU A 14 27.20 10.29 -14.16
N TYR A 15 27.72 9.07 -13.94
CA TYR A 15 27.16 7.83 -14.47
C TYR A 15 26.18 7.12 -13.54
N PHE A 16 25.93 7.68 -12.35
CA PHE A 16 24.98 7.07 -11.39
C PHE A 16 23.57 6.98 -11.96
N GLN A 17 22.95 5.81 -11.80
CA GLN A 17 21.59 5.55 -12.28
C GLN A 17 20.55 5.28 -11.20
N GLY A 18 20.95 4.76 -10.07
CA GLY A 18 19.99 4.43 -9.03
C GLY A 18 20.60 3.58 -7.96
N MET A 19 19.84 3.38 -6.88
CA MET A 19 20.32 2.57 -5.77
CA MET A 19 20.30 2.63 -5.72
C MET A 19 19.15 1.78 -5.20
N THR A 20 19.43 0.56 -4.71
CA THR A 20 18.45 -0.29 -4.07
C THR A 20 19.07 -0.74 -2.77
N GLU A 21 18.38 -0.51 -1.65
CA GLU A 21 18.80 -0.94 -0.32
C GLU A 21 17.84 -2.05 0.12
N THR A 22 18.37 -3.07 0.82
CA THR A 22 17.57 -4.19 1.32
C THR A 22 17.52 -4.13 2.86
N PHE A 23 16.31 -4.38 3.43
CA PHE A 23 16.09 -4.36 4.86
C PHE A 23 15.39 -5.63 5.28
N ALA A 24 15.67 -6.12 6.48
CA ALA A 24 14.89 -7.25 7.02
C ALA A 24 13.63 -6.67 7.65
N PHE A 25 12.60 -7.48 7.80
CA PHE A 25 11.39 -7.05 8.50
C PHE A 25 11.58 -7.30 9.98
N GLN A 26 10.87 -6.52 10.83
CA GLN A 26 10.79 -6.74 12.27
C GLN A 26 10.24 -8.20 12.40
N ALA A 27 10.74 -8.97 13.36
CA ALA A 27 10.43 -10.40 13.50
C ALA A 27 8.96 -10.83 13.41
N GLU A 28 8.07 -10.15 14.16
CA GLU A 28 6.64 -10.49 14.15
C GLU A 28 5.97 -10.10 12.84
N ILE A 29 6.40 -8.98 12.23
CA ILE A 29 5.86 -8.56 10.94
CA ILE A 29 5.86 -8.56 10.94
C ILE A 29 6.20 -9.64 9.91
N ASN A 30 7.45 -10.15 9.92
CA ASN A 30 7.83 -11.23 9.00
C ASN A 30 6.93 -12.46 9.21
N GLN A 31 6.70 -12.83 10.49
CA GLN A 31 5.85 -13.96 10.87
C GLN A 31 4.42 -13.75 10.33
N LEU A 32 3.88 -12.53 10.51
CA LEU A 32 2.55 -12.17 10.03
C LEU A 32 2.44 -12.27 8.51
N MET A 33 3.47 -11.80 7.78
CA MET A 33 3.46 -11.83 6.32
C MET A 33 3.47 -13.26 5.80
N SER A 34 4.25 -14.16 6.44
CA SER A 34 4.30 -15.57 6.05
C SER A 34 2.94 -16.20 6.29
N LEU A 35 2.33 -15.92 7.45
CA LEU A 35 1.00 -16.40 7.82
C LEU A 35 -0.03 -15.94 6.76
N ILE A 36 -0.10 -14.62 6.47
CA ILE A 36 -1.05 -14.07 5.48
C ILE A 36 -0.88 -14.63 4.05
N ILE A 37 0.36 -14.67 3.53
CA ILE A 37 0.62 -15.11 2.16
C ILE A 37 0.28 -16.59 1.88
N ASN A 38 0.36 -17.44 2.91
CA ASN A 38 0.13 -18.88 2.79
C ASN A 38 -1.24 -19.37 3.23
N THR A 39 -1.97 -18.57 4.06
CA THR A 39 -3.29 -18.95 4.59
CA THR A 39 -3.28 -18.95 4.59
C THR A 39 -4.38 -19.09 3.54
N PHE A 40 -5.33 -19.97 3.85
CA PHE A 40 -6.51 -20.15 3.08
C PHE A 40 -7.42 -19.16 3.83
N TYR A 41 -8.25 -18.39 3.15
CA TYR A 41 -9.23 -17.46 3.74
C TYR A 41 -10.28 -17.23 2.66
N SER A 42 -11.57 -17.40 3.02
CA SER A 42 -12.69 -17.32 2.06
C SER A 42 -13.28 -15.92 1.79
N ASN A 43 -12.72 -14.86 2.40
CA ASN A 43 -13.23 -13.50 2.22
C ASN A 43 -12.05 -12.51 1.93
N LYS A 44 -11.15 -12.90 1.02
CA LYS A 44 -9.92 -12.15 0.68
C LYS A 44 -10.14 -10.71 0.16
N GLU A 45 -11.36 -10.39 -0.33
CA GLU A 45 -11.73 -9.07 -0.87
C GLU A 45 -11.52 -7.89 0.09
N ILE A 46 -11.46 -8.15 1.42
CA ILE A 46 -11.23 -7.12 2.45
C ILE A 46 -9.89 -6.36 2.23
N PHE A 47 -8.97 -6.93 1.43
CA PHE A 47 -7.68 -6.24 1.14
C PHE A 47 -7.97 -4.87 0.52
N LEU A 48 -9.00 -4.79 -0.37
CA LEU A 48 -9.29 -3.53 -1.06
C LEU A 48 -9.71 -2.43 -0.12
N ARG A 49 -10.52 -2.76 0.90
CA ARG A 49 -10.99 -1.81 1.90
C ARG A 49 -9.77 -1.23 2.65
N GLU A 50 -8.76 -2.05 2.93
CA GLU A 50 -7.56 -1.60 3.66
C GLU A 50 -6.75 -0.61 2.82
N LEU A 51 -6.62 -0.86 1.51
CA LEU A 51 -5.89 0.03 0.59
C LEU A 51 -6.59 1.38 0.49
N ILE A 52 -7.92 1.37 0.34
CA ILE A 52 -8.72 2.59 0.21
C ILE A 52 -8.69 3.40 1.51
N SER A 53 -8.79 2.72 2.68
CA SER A 53 -8.72 3.36 3.99
C SER A 53 -7.37 4.10 4.15
N ASN A 54 -6.27 3.43 3.76
CA ASN A 54 -4.94 4.06 3.85
C ASN A 54 -4.83 5.29 2.94
N ALA A 55 -5.40 5.21 1.73
CA ALA A 55 -5.42 6.36 0.77
C ALA A 55 -6.18 7.54 1.40
N SER A 56 -7.37 7.26 1.98
CA SER A 56 -8.21 8.25 2.64
CA SER A 56 -8.21 8.25 2.64
C SER A 56 -7.48 8.91 3.80
N ASP A 57 -6.82 8.10 4.66
CA ASP A 57 -6.09 8.63 5.81
C ASP A 57 -4.98 9.61 5.34
N ALA A 58 -4.27 9.22 4.26
CA ALA A 58 -3.18 10.03 3.68
C ALA A 58 -3.74 11.38 3.13
N CYS A 59 -4.92 11.33 2.49
CA CYS A 59 -5.61 12.54 2.00
C CYS A 59 -6.04 13.40 3.16
N ASP A 60 -6.57 12.81 4.27
CA ASP A 60 -6.89 13.60 5.44
C ASP A 60 -5.68 14.37 5.96
N LYS A 61 -4.50 13.71 6.05
CA LYS A 61 -3.30 14.35 6.60
C LYS A 61 -2.92 15.60 5.83
N ILE A 62 -2.85 15.51 4.51
CA ILE A 62 -2.49 16.68 3.70
C ILE A 62 -3.61 17.74 3.67
N ARG A 63 -4.86 17.29 3.66
CA ARG A 63 -6.04 18.18 3.68
C ARG A 63 -5.95 19.09 4.92
N TYR A 64 -5.81 18.50 6.11
CA TYR A 64 -5.72 19.31 7.34
C TYR A 64 -4.47 20.21 7.33
N GLN A 65 -3.35 19.71 6.80
CA GLN A 65 -2.15 20.54 6.73
C GLN A 65 -2.41 21.73 5.83
N SER A 66 -3.15 21.51 4.71
CA SER A 66 -3.48 22.57 3.71
C SER A 66 -4.34 23.71 4.26
N LEU A 67 -5.08 23.46 5.36
CA LEU A 67 -5.93 24.49 5.94
C LEU A 67 -5.10 25.62 6.57
N THR A 68 -3.92 25.29 7.12
CA THR A 68 -2.99 26.26 7.70
C THR A 68 -2.04 26.77 6.62
N ASP A 69 -1.56 25.86 5.74
CA ASP A 69 -0.62 26.22 4.68
C ASP A 69 -1.09 25.67 3.33
N PRO A 70 -1.92 26.43 2.56
CA PRO A 70 -2.39 25.92 1.25
C PRO A 70 -1.30 25.49 0.26
N SER A 71 -0.09 26.08 0.39
CA SER A 71 1.05 25.79 -0.49
C SER A 71 1.48 24.31 -0.48
N VAL A 72 1.12 23.55 0.58
CA VAL A 72 1.45 22.11 0.68
C VAL A 72 0.81 21.29 -0.44
N LEU A 73 -0.28 21.78 -1.03
CA LEU A 73 -0.97 21.07 -2.10
C LEU A 73 -0.26 21.25 -3.45
N GLY A 74 0.62 22.25 -3.55
CA GLY A 74 1.37 22.53 -4.78
C GLY A 74 0.46 22.61 -6.01
N GLU A 75 0.73 21.78 -7.02
CA GLU A 75 -0.06 21.76 -8.26
C GLU A 75 -1.15 20.69 -8.29
N SER A 76 -1.39 20.00 -7.14
CA SER A 76 -2.38 18.92 -7.07
C SER A 76 -3.31 19.16 -5.85
N PRO A 77 -4.13 20.24 -5.87
CA PRO A 77 -5.01 20.50 -4.73
C PRO A 77 -6.24 19.58 -4.64
N ARG A 78 -6.67 18.97 -5.75
CA ARG A 78 -7.88 18.11 -5.75
C ARG A 78 -7.55 16.71 -5.23
N LEU A 79 -7.88 16.47 -3.96
CA LEU A 79 -7.58 15.21 -3.31
C LEU A 79 -8.52 14.11 -3.74
N CYS A 80 -7.96 13.04 -4.30
CA CYS A 80 -8.78 11.93 -4.81
C CYS A 80 -8.03 10.63 -4.88
N ILE A 81 -8.78 9.56 -5.08
CA ILE A 81 -8.27 8.19 -5.09
C ILE A 81 -8.61 7.55 -6.41
N ARG A 82 -7.65 6.78 -6.96
CA ARG A 82 -7.86 6.03 -8.21
C ARG A 82 -7.58 4.55 -8.01
N VAL A 83 -8.40 3.69 -8.63
CA VAL A 83 -8.24 2.23 -8.61
C VAL A 83 -7.94 1.86 -10.05
N VAL A 84 -6.80 1.19 -10.26
CA VAL A 84 -6.29 0.88 -11.60
C VAL A 84 -6.02 -0.61 -11.86
N PRO A 85 -6.97 -1.35 -12.47
CA PRO A 85 -6.69 -2.73 -12.87
C PRO A 85 -5.84 -2.77 -14.15
N ASP A 86 -4.96 -3.76 -14.27
CA ASP A 86 -4.08 -3.92 -15.44
C ASP A 86 -4.00 -5.43 -15.76
N LYS A 87 -4.88 -5.89 -16.66
CA LYS A 87 -4.96 -7.31 -17.06
C LYS A 87 -3.67 -7.85 -17.68
N GLU A 88 -3.02 -7.06 -18.52
CA GLU A 88 -1.78 -7.44 -19.20
C GLU A 88 -0.68 -7.78 -18.20
N ASN A 89 -0.44 -6.86 -17.23
CA ASN A 89 0.59 -6.99 -16.22
C ASN A 89 0.14 -7.76 -14.96
N LYS A 90 -1.16 -8.10 -14.89
CA LYS A 90 -1.80 -8.84 -13.79
C LYS A 90 -1.65 -8.10 -12.43
N THR A 91 -1.79 -6.77 -12.47
CA THR A 91 -1.68 -5.91 -11.29
C THR A 91 -2.93 -5.11 -11.03
N LEU A 92 -3.17 -4.84 -9.75
CA LEU A 92 -4.23 -3.93 -9.30
C LEU A 92 -3.50 -2.80 -8.53
N THR A 93 -3.76 -1.57 -8.89
CA THR A 93 -3.13 -0.41 -8.25
C THR A 93 -4.14 0.52 -7.60
N VAL A 94 -3.78 1.06 -6.39
CA VAL A 94 -4.57 2.08 -5.69
C VAL A 94 -3.66 3.30 -5.52
N GLU A 95 -4.07 4.42 -6.08
CA GLU A 95 -3.30 5.67 -6.10
C GLU A 95 -3.99 6.75 -5.33
N ASP A 96 -3.21 7.59 -4.65
CA ASP A 96 -3.75 8.76 -3.98
C ASP A 96 -2.74 9.91 -4.14
N ASN A 97 -3.19 11.14 -3.93
CA ASN A 97 -2.35 12.33 -3.89
C ASN A 97 -2.40 12.90 -2.47
N GLY A 98 -2.36 11.98 -1.50
CA GLY A 98 -2.32 12.32 -0.08
C GLY A 98 -0.95 12.80 0.34
N ILE A 99 -0.67 12.75 1.67
CA ILE A 99 0.56 13.28 2.24
C ILE A 99 1.85 12.66 1.67
N GLY A 100 1.78 11.39 1.29
CA GLY A 100 2.95 10.63 0.85
C GLY A 100 3.81 10.20 2.02
N MET A 101 4.79 9.32 1.74
CA MET A 101 5.71 8.80 2.77
C MET A 101 7.15 9.14 2.39
N THR A 102 7.91 9.68 3.36
CA THR A 102 9.35 9.96 3.17
C THR A 102 10.07 8.59 3.12
N LYS A 103 11.39 8.58 2.88
CA LYS A 103 12.16 7.34 2.91
C LYS A 103 12.02 6.74 4.30
N ALA A 104 12.16 7.58 5.34
CA ALA A 104 12.04 7.12 6.73
C ALA A 104 10.66 6.52 6.99
N ASP A 105 9.58 7.16 6.48
CA ASP A 105 8.24 6.66 6.69
C ASP A 105 8.06 5.27 6.10
N LEU A 106 8.61 5.05 4.89
CA LEU A 106 8.56 3.76 4.20
C LEU A 106 9.26 2.65 5.02
N VAL A 107 10.50 2.92 5.43
CA VAL A 107 11.31 1.97 6.22
C VAL A 107 10.66 1.69 7.58
N ASN A 108 10.26 2.77 8.31
CA ASN A 108 9.67 2.67 9.64
C ASN A 108 8.28 2.05 9.65
N ASN A 109 7.38 2.64 8.87
CA ASN A 109 5.96 2.28 8.93
C ASN A 109 5.55 1.07 8.15
N LEU A 110 6.41 0.60 7.23
CA LEU A 110 6.12 -0.55 6.40
C LEU A 110 7.08 -1.69 6.61
N GLY A 111 7.38 -1.99 7.86
CA GLY A 111 8.15 -3.20 8.11
C GLY A 111 9.11 -3.28 9.26
N THR A 112 9.71 -2.16 9.70
CA THR A 112 10.72 -2.24 10.77
C THR A 112 10.25 -1.89 12.17
N ILE A 113 9.27 -0.99 12.30
CA ILE A 113 8.77 -0.62 13.63
C ILE A 113 7.75 -1.67 14.07
N ALA A 114 7.92 -2.18 15.30
CA ALA A 114 7.05 -3.19 15.85
C ALA A 114 5.67 -2.60 16.10
N ARG A 115 4.63 -3.38 15.75
CA ARG A 115 3.23 -3.01 15.94
CA ARG A 115 3.25 -2.98 15.97
C ARG A 115 2.76 -3.83 17.14
N SER A 116 2.25 -3.16 18.19
CA SER A 116 1.83 -3.87 19.40
C SER A 116 0.79 -4.97 19.18
N GLY A 117 -0.05 -4.82 18.16
CA GLY A 117 -1.10 -5.80 17.89
C GLY A 117 -0.73 -6.97 17.00
N THR A 118 0.54 -7.01 16.48
CA THR A 118 0.94 -8.10 15.56
C THR A 118 0.77 -9.49 16.16
N LYS A 119 1.34 -9.70 17.37
CA LYS A 119 1.27 -10.96 18.09
C LYS A 119 -0.16 -11.32 18.42
N ALA A 120 -0.91 -10.36 19.01
CA ALA A 120 -2.33 -10.57 19.38
C ALA A 120 -3.18 -10.97 18.16
N PHE A 121 -2.90 -10.36 16.98
CA PHE A 121 -3.62 -10.68 15.76
C PHE A 121 -3.41 -12.14 15.33
N MET A 122 -2.15 -12.58 15.29
CA MET A 122 -1.81 -13.95 14.90
C MET A 122 -2.44 -14.93 15.90
N GLU A 123 -2.43 -14.57 17.18
CA GLU A 123 -3.03 -15.37 18.26
C GLU A 123 -4.55 -15.45 18.07
N ALA A 124 -5.17 -14.33 17.68
CA ALA A 124 -6.61 -14.26 17.41
C ALA A 124 -6.99 -15.19 16.25
N LEU A 125 -6.20 -15.19 15.16
CA LEU A 125 -6.41 -16.05 13.99
C LEU A 125 -6.43 -17.54 14.33
N GLU A 126 -5.48 -18.00 15.17
CA GLU A 126 -5.41 -19.40 15.61
C GLU A 126 -6.62 -19.76 16.49
N ALA A 127 -7.10 -18.80 17.31
CA ALA A 127 -8.22 -18.98 18.24
C ALA A 127 -9.61 -18.86 17.60
N GLY A 128 -9.67 -18.62 16.29
CA GLY A 128 -10.90 -18.49 15.55
C GLY A 128 -11.37 -17.05 15.35
N GLY A 129 -10.44 -16.10 15.40
CA GLY A 129 -10.72 -14.70 15.16
C GLY A 129 -10.89 -14.43 13.67
N ASP A 130 -11.42 -13.26 13.34
CA ASP A 130 -11.71 -12.89 11.96
C ASP A 130 -10.54 -12.15 11.31
N MET A 131 -10.04 -12.66 10.15
CA MET A 131 -8.99 -12.01 9.35
C MET A 131 -9.44 -10.59 8.94
N SER A 132 -10.76 -10.37 8.82
CA SER A 132 -11.28 -9.04 8.48
C SER A 132 -10.98 -7.98 9.57
N MET A 133 -10.60 -8.43 10.79
CA MET A 133 -10.28 -7.50 11.88
CA MET A 133 -10.27 -7.53 11.90
C MET A 133 -8.83 -6.98 11.77
N ILE A 134 -8.06 -7.47 10.79
CA ILE A 134 -6.65 -7.07 10.56
C ILE A 134 -6.37 -5.57 10.79
N GLY A 135 -7.20 -4.69 10.23
CA GLY A 135 -7.05 -3.24 10.36
C GLY A 135 -7.17 -2.75 11.78
N GLN A 136 -8.06 -3.37 12.56
CA GLN A 136 -8.25 -2.99 13.96
C GLN A 136 -7.06 -3.38 14.83
N PHE A 137 -6.24 -4.33 14.37
CA PHE A 137 -5.04 -4.75 15.10
C PHE A 137 -3.81 -3.90 14.71
N GLY A 138 -3.99 -2.91 13.85
CA GLY A 138 -2.95 -1.97 13.41
C GLY A 138 -2.00 -2.50 12.36
N VAL A 139 -2.40 -3.54 11.61
CA VAL A 139 -1.57 -4.21 10.57
C VAL A 139 -2.33 -4.39 9.25
N GLY A 140 -3.27 -3.50 9.00
CA GLY A 140 -4.12 -3.54 7.81
C GLY A 140 -3.39 -3.66 6.49
N PHE A 141 -2.27 -2.94 6.35
CA PHE A 141 -1.52 -2.93 5.09
C PHE A 141 -1.20 -4.35 4.59
N TYR A 142 -0.79 -5.23 5.50
CA TYR A 142 -0.34 -6.59 5.17
C TYR A 142 -1.41 -7.51 4.56
N SER A 143 -2.70 -7.10 4.62
CA SER A 143 -3.81 -7.83 3.99
C SER A 143 -3.60 -7.96 2.46
N ALA A 144 -2.77 -7.06 1.87
CA ALA A 144 -2.48 -7.12 0.43
C ALA A 144 -1.97 -8.51 0.03
N TYR A 145 -1.20 -9.19 0.93
CA TYR A 145 -0.63 -10.53 0.68
C TYR A 145 -1.66 -11.68 0.63
N LEU A 146 -2.94 -11.38 0.95
CA LEU A 146 -4.02 -12.36 0.83
C LEU A 146 -4.22 -12.62 -0.65
N VAL A 147 -4.13 -11.55 -1.49
CA VAL A 147 -4.35 -11.64 -2.94
C VAL A 147 -3.11 -11.48 -3.83
N ALA A 148 -2.03 -10.91 -3.28
CA ALA A 148 -0.82 -10.64 -4.05
C ALA A 148 0.42 -11.40 -3.59
N ASP A 149 1.31 -11.75 -4.54
CA ASP A 149 2.59 -12.40 -4.20
C ASP A 149 3.71 -11.33 -4.15
N ARG A 150 3.41 -10.12 -4.62
CA ARG A 150 4.37 -9.00 -4.60
C ARG A 150 3.63 -7.68 -4.48
N VAL A 151 4.15 -6.76 -3.65
CA VAL A 151 3.54 -5.44 -3.49
C VAL A 151 4.64 -4.42 -3.70
N THR A 152 4.35 -3.39 -4.51
CA THR A 152 5.25 -2.31 -4.84
C THR A 152 4.55 -1.00 -4.47
N VAL A 153 5.18 -0.25 -3.57
CA VAL A 153 4.67 1.04 -3.06
C VAL A 153 5.57 2.18 -3.54
N THR A 154 5.06 3.07 -4.41
CA THR A 154 5.83 4.23 -4.87
C THR A 154 5.26 5.43 -4.13
N SER A 155 6.11 6.23 -3.48
CA SER A 155 5.59 7.33 -2.68
C SER A 155 6.47 8.55 -2.71
N LYS A 156 5.83 9.70 -2.61
CA LYS A 156 6.46 11.01 -2.62
C LYS A 156 5.82 11.91 -1.60
N ASN A 157 6.61 12.34 -0.60
CA ASN A 157 6.23 13.29 0.44
C ASN A 157 6.91 14.62 0.08
N ASN A 158 6.27 15.78 0.42
CA ASN A 158 6.83 17.11 0.10
C ASN A 158 8.25 17.35 0.63
N SER A 159 8.59 16.76 1.78
CA SER A 159 9.88 16.95 2.42
C SER A 159 11.01 15.98 1.94
N ASP A 160 10.73 15.09 0.96
CA ASP A 160 11.74 14.12 0.52
C ASP A 160 11.60 13.79 -0.99
N GLU A 161 12.50 12.93 -1.49
CA GLU A 161 12.53 12.43 -2.87
CA GLU A 161 12.48 12.47 -2.88
C GLU A 161 11.50 11.30 -2.97
N SER A 162 11.20 10.85 -4.17
CA SER A 162 10.31 9.71 -4.40
C SER A 162 11.15 8.42 -4.15
N TYR A 163 10.51 7.38 -3.55
CA TYR A 163 11.14 6.07 -3.31
C TYR A 163 10.14 4.99 -3.61
N VAL A 164 10.67 3.81 -3.94
CA VAL A 164 9.88 2.62 -4.21
C VAL A 164 10.21 1.55 -3.16
N TRP A 165 9.19 1.12 -2.39
CA TRP A 165 9.30 0.05 -1.39
C TRP A 165 8.80 -1.20 -2.14
N GLU A 166 9.39 -2.37 -1.90
CA GLU A 166 8.89 -3.57 -2.58
C GLU A 166 9.15 -4.78 -1.77
N SER A 167 8.21 -5.73 -1.77
CA SER A 167 8.45 -6.99 -1.05
C SER A 167 7.60 -8.12 -1.60
N SER A 168 8.18 -9.32 -1.62
CA SER A 168 7.50 -10.56 -2.00
C SER A 168 7.31 -11.41 -0.75
N ALA A 169 7.37 -10.80 0.47
CA ALA A 169 7.18 -11.49 1.76
C ALA A 169 8.19 -12.64 2.03
N GLY A 170 9.43 -12.45 1.60
CA GLY A 170 10.47 -13.45 1.81
C GLY A 170 11.38 -13.18 2.99
N GLY A 171 10.97 -12.26 3.87
CA GLY A 171 11.73 -11.86 5.04
C GLY A 171 12.40 -10.52 4.88
N THR A 172 12.41 -9.96 3.64
CA THR A 172 13.02 -8.65 3.37
C THR A 172 12.17 -7.78 2.46
N PHE A 173 12.48 -6.50 2.46
CA PHE A 173 11.93 -5.52 1.51
C PHE A 173 13.07 -4.66 0.98
N THR A 174 12.82 -4.00 -0.16
CA THR A 174 13.79 -3.11 -0.76
C THR A 174 13.27 -1.70 -0.81
N ILE A 175 14.18 -0.74 -0.82
CA ILE A 175 13.89 0.68 -0.99
C ILE A 175 14.76 1.10 -2.19
N THR A 176 14.13 1.59 -3.28
CA THR A 176 14.85 1.97 -4.49
C THR A 176 14.68 3.47 -4.71
N SER A 177 15.77 4.13 -5.10
CA SER A 177 15.76 5.55 -5.42
C SER A 177 16.49 5.76 -6.74
N THR A 178 16.05 6.78 -7.49
CA THR A 178 16.68 7.16 -8.77
C THR A 178 16.88 8.68 -8.79
N PRO A 179 17.90 9.21 -9.54
CA PRO A 179 18.08 10.67 -9.58
C PRO A 179 16.85 11.46 -10.05
N GLU A 180 16.11 10.93 -11.03
CA GLU A 180 14.89 11.56 -11.54
C GLU A 180 13.68 10.67 -11.25
N SER A 181 12.63 11.26 -10.68
CA SER A 181 11.39 10.57 -10.31
C SER A 181 10.22 11.53 -10.18
N MET A 183 6.95 10.50 -10.40
CA MET A 183 6.07 10.48 -9.24
C MET A 183 5.86 11.85 -8.58
N LYS A 184 4.61 12.35 -8.60
CA LYS A 184 4.15 13.59 -7.95
C LYS A 184 3.79 13.23 -6.48
N ARG A 185 3.38 14.20 -5.63
CA ARG A 185 3.02 13.91 -4.22
C ARG A 185 1.93 12.85 -4.09
N GLY A 186 2.13 11.89 -3.18
CA GLY A 186 1.16 10.84 -2.91
C GLY A 186 1.78 9.46 -2.92
N THR A 187 0.93 8.44 -3.07
CA THR A 187 1.36 7.05 -3.02
C THR A 187 0.60 6.22 -4.03
N ARG A 188 1.33 5.29 -4.65
CA ARG A 188 0.79 4.34 -5.60
CA ARG A 188 0.79 4.32 -5.60
C ARG A 188 1.13 2.94 -5.06
N ILE A 189 0.11 2.16 -4.71
CA ILE A 189 0.33 0.80 -4.22
CA ILE A 189 0.34 0.80 -4.20
C ILE A 189 -0.10 -0.19 -5.30
N THR A 190 0.84 -0.96 -5.83
CA THR A 190 0.59 -1.93 -6.90
C THR A 190 0.72 -3.34 -6.37
N LEU A 191 -0.34 -4.13 -6.55
CA LEU A 191 -0.37 -5.53 -6.13
C LEU A 191 -0.21 -6.43 -7.36
N HIS A 192 0.79 -7.33 -7.35
CA HIS A 192 0.92 -8.31 -8.42
C HIS A 192 0.11 -9.52 -7.94
N LEU A 193 -1.04 -9.74 -8.57
CA LEU A 193 -1.97 -10.78 -8.16
C LEU A 193 -1.49 -12.21 -8.31
N LYS A 194 -1.87 -13.04 -7.33
CA LYS A 194 -1.62 -14.49 -7.33
C LYS A 194 -2.49 -15.07 -8.46
N GLU A 195 -2.05 -16.22 -9.08
CA GLU A 195 -2.72 -16.89 -10.21
CA GLU A 195 -2.74 -16.85 -10.21
C GLU A 195 -4.25 -17.06 -10.07
N ASP A 196 -4.72 -17.48 -8.88
CA ASP A 196 -6.14 -17.71 -8.60
C ASP A 196 -6.88 -16.48 -8.10
N GLN A 197 -6.28 -15.28 -8.22
CA GLN A 197 -6.90 -14.04 -7.75
C GLN A 197 -7.18 -13.06 -8.87
N MET A 198 -7.25 -13.55 -10.14
CA MET A 198 -7.49 -12.67 -11.32
C MET A 198 -8.82 -11.93 -11.36
N GLU A 199 -9.81 -12.31 -10.51
CA GLU A 199 -11.12 -11.66 -10.41
C GLU A 199 -11.04 -10.17 -10.00
N TYR A 200 -9.97 -9.80 -9.28
CA TYR A 200 -9.80 -8.42 -8.85
C TYR A 200 -9.34 -7.50 -9.98
N LEU A 201 -9.24 -8.04 -11.22
CA LEU A 201 -8.92 -7.29 -12.43
C LEU A 201 -10.21 -7.04 -13.21
N GLU A 202 -11.33 -7.63 -12.76
CA GLU A 202 -12.64 -7.49 -13.42
C GLU A 202 -13.36 -6.21 -13.03
N PRO A 203 -13.73 -5.36 -14.02
CA PRO A 203 -14.38 -4.07 -13.72
C PRO A 203 -15.62 -4.13 -12.84
N ARG A 204 -16.49 -5.13 -13.09
CA ARG A 204 -17.73 -5.35 -12.34
CA ARG A 204 -17.72 -5.30 -12.32
C ARG A 204 -17.42 -5.74 -10.88
N ARG A 205 -16.45 -6.65 -10.70
CA ARG A 205 -16.04 -7.11 -9.35
C ARG A 205 -15.51 -5.89 -8.57
N LEU A 206 -14.63 -5.07 -9.21
CA LEU A 206 -14.08 -3.87 -8.56
C LEU A 206 -15.12 -2.81 -8.27
N LYS A 207 -16.01 -2.50 -9.23
CA LYS A 207 -17.05 -1.48 -9.05
C LYS A 207 -17.94 -1.77 -7.83
N GLU A 208 -18.39 -3.03 -7.69
CA GLU A 208 -19.22 -3.45 -6.55
C GLU A 208 -18.44 -3.40 -5.25
N LEU A 209 -17.18 -3.90 -5.28
CA LEU A 209 -16.31 -3.91 -4.08
C LEU A 209 -16.04 -2.50 -3.59
N ILE A 210 -15.78 -1.55 -4.53
CA ILE A 210 -15.57 -0.14 -4.16
C ILE A 210 -16.83 0.42 -3.49
N LYS A 211 -18.00 0.22 -4.13
CA LYS A 211 -19.30 0.66 -3.58
C LYS A 211 -19.56 0.03 -2.19
N LYS A 212 -19.17 -1.24 -1.98
CA LYS A 212 -19.37 -2.01 -0.74
C LYS A 212 -18.77 -1.38 0.53
N HIS A 213 -17.54 -0.80 0.43
CA HIS A 213 -16.83 -0.20 1.57
C HIS A 213 -16.31 1.22 1.25
N SER A 214 -17.17 2.12 0.73
CA SER A 214 -16.75 3.49 0.38
C SER A 214 -17.83 4.57 0.52
N GLU A 215 -18.97 4.23 1.16
CA GLU A 215 -20.04 5.19 1.42
C GLU A 215 -19.54 6.21 2.47
N PHE A 216 -18.61 5.78 3.35
CA PHE A 216 -18.02 6.61 4.39
C PHE A 216 -16.74 7.39 3.93
N ILE A 217 -16.09 6.96 2.83
CA ILE A 217 -14.89 7.62 2.30
C ILE A 217 -15.26 9.01 1.71
N GLY A 218 -14.66 10.06 2.27
CA GLY A 218 -14.94 11.45 1.89
C GLY A 218 -14.21 11.99 0.68
N TYR A 219 -13.61 11.12 -0.14
CA TYR A 219 -12.88 11.49 -1.35
C TYR A 219 -13.43 10.74 -2.51
N ASP A 220 -13.39 11.36 -3.70
CA ASP A 220 -13.81 10.66 -4.91
C ASP A 220 -12.89 9.48 -5.18
N ILE A 221 -13.50 8.32 -5.51
CA ILE A 221 -12.78 7.09 -5.87
C ILE A 221 -13.14 6.80 -7.30
N GLU A 222 -12.15 6.94 -8.20
CA GLU A 222 -12.34 6.70 -9.63
C GLU A 222 -11.78 5.38 -10.06
N LEU A 223 -12.64 4.51 -10.61
CA LEU A 223 -12.22 3.23 -11.15
C LEU A 223 -11.86 3.45 -12.61
N MET A 224 -10.57 3.25 -12.95
CA MET A 224 -10.06 3.42 -14.31
C MET A 224 -10.40 2.23 -15.17
N VAL A 225 -11.04 2.48 -16.31
CA VAL A 225 -11.48 1.42 -17.24
C VAL A 225 -10.38 1.12 -18.29
N GLU A 226 -10.06 -0.17 -18.46
CA GLU A 226 -9.07 -0.67 -19.44
C GLU A 226 -9.68 -0.75 -20.86
N LYS A 227 -8.83 -1.03 -21.87
CA LYS A 227 -9.16 -1.20 -23.30
C LYS A 227 -9.85 0.01 -23.90
PB ADP B . -2.85 1.93 10.01
O1B ADP B . -3.63 2.50 8.84
O2B ADP B . -1.87 2.96 10.57
O3B ADP B . -3.81 1.37 11.12
PA ADP B . -1.75 0.07 8.14
O1A ADP B . -3.00 0.11 7.30
O2A ADP B . -1.05 -1.26 8.26
O3A ADP B . -1.99 0.67 9.55
O5' ADP B . -0.73 1.07 7.41
C5' ADP B . 0.53 1.18 8.09
C4' ADP B . 1.13 2.56 7.81
O4' ADP B . 1.62 2.60 6.45
C3' ADP B . 0.14 3.71 7.97
O3' ADP B . 0.06 4.13 9.34
C2' ADP B . 0.86 4.84 7.13
O2' ADP B . 1.97 5.44 7.87
C1' ADP B . 1.44 3.98 6.02
N9 ADP B . 0.67 4.03 4.79
C8 ADP B . 0.01 2.94 4.15
N7 ADP B . -0.56 3.36 2.99
C5 ADP B . -0.30 4.71 2.91
C6 ADP B . -0.67 5.70 1.90
N6 ADP B . -1.43 5.39 0.83
N1 ADP B . -0.22 6.98 2.07
C2 ADP B . 0.55 7.29 3.18
N3 ADP B . 0.93 6.44 4.19
C4 ADP B . 0.48 5.15 3.99
MG MG C . -4.66 1.34 7.44
C1 EDO D . 12.41 6.39 -7.33
O1 EDO D . 13.09 5.14 -7.30
C2 EDO D . 11.25 6.25 -8.31
O2 EDO D . 10.09 6.88 -7.77
C1 EDO E . -10.35 18.28 -0.90
O1 EDO E . -10.84 17.06 -0.31
C2 EDO E . -10.06 18.08 -2.39
O2 EDO E . -11.28 17.86 -3.11
C1 EDO F . 6.01 22.42 -2.43
O1 EDO F . 6.21 21.82 -1.14
C2 EDO F . 4.91 21.68 -3.17
O2 EDO F . 3.70 21.74 -2.41
#